data_3FBS
#
_entry.id   3FBS
#
_cell.length_a   95.190
_cell.length_b   95.190
_cell.length_c   149.237
_cell.angle_alpha   90.00
_cell.angle_beta   90.00
_cell.angle_gamma   90.00
#
_symmetry.space_group_name_H-M   'P 41 21 2'
#
loop_
_entity.id
_entity.type
_entity.pdbx_description
1 polymer Oxidoreductase
2 non-polymer 'FLAVIN-ADENINE DINUCLEOTIDE'
3 non-polymer 'SULFATE ION'
4 non-polymer 'MAGNESIUM ION'
5 water water
#
_entity_poly.entity_id   1
_entity_poly.type   'polypeptide(L)'
_entity_poly.pdbx_seq_one_letter_code
;MKFDVIIIGGSYAGLSAALQLGRARKNILLVDAGERRNRFASHSHGFLGQDGKAPGEIIAEARRQIERYPTIHWVEGRVT
DAKGSFGEFIVEIDGGRRETAGRLILAMGVTDELPEIAGLRERWGSAVFHCPYCHGYELDQGKIGVIAASPMAIHHALML
PDWGETTFFTNGIVEPDADQHALLAARGVRVETTRIREIAGHADVVLADGRSIALAGLFTQPKLRITVDWIEKLGCAVEE
GPMGSTIVTDPMKQTTARGIFACGDVARPAGSVALAVGDGAMAGAAAHRSILFPEMR
;
_entity_poly.pdbx_strand_id   A,B
#
# COMPACT_ATOMS: atom_id res chain seq x y z
N MET A 1 7.82 -19.13 -27.48
CA MET A 1 7.35 -17.88 -28.18
C MET A 1 6.56 -17.00 -27.18
N LYS A 2 6.22 -15.78 -27.56
CA LYS A 2 5.61 -14.79 -26.69
C LYS A 2 4.20 -15.17 -26.22
N PHE A 3 4.02 -15.35 -24.93
CA PHE A 3 2.74 -15.67 -24.40
C PHE A 3 1.82 -14.43 -24.30
N ASP A 4 0.52 -14.67 -24.41
CA ASP A 4 -0.49 -13.64 -24.05
C ASP A 4 -0.40 -13.20 -22.59
N VAL A 5 -0.23 -14.20 -21.71
CA VAL A 5 -0.16 -13.97 -20.28
C VAL A 5 0.82 -15.01 -19.67
N ILE A 6 1.67 -14.56 -18.76
CA ILE A 6 2.40 -15.43 -17.83
C ILE A 6 1.84 -15.24 -16.43
N ILE A 7 1.46 -16.32 -15.78
CA ILE A 7 0.93 -16.31 -14.45
C ILE A 7 2.02 -16.90 -13.58
N ILE A 8 2.43 -16.16 -12.57
CA ILE A 8 3.53 -16.53 -11.68
C ILE A 8 2.95 -17.04 -10.37
N GLY A 9 2.87 -18.35 -10.24
CA GLY A 9 2.22 -19.00 -9.11
C GLY A 9 1.02 -19.77 -9.61
N GLY A 10 0.96 -21.03 -9.27
CA GLY A 10 0.01 -21.99 -9.84
C GLY A 10 -0.70 -22.80 -8.78
N SER A 11 -1.18 -22.13 -7.71
CA SER A 11 -2.01 -22.77 -6.70
C SER A 11 -3.43 -22.23 -6.93
N TYR A 12 -4.25 -22.11 -5.89
CA TYR A 12 -5.65 -21.80 -6.02
C TYR A 12 -5.92 -20.54 -6.86
N ALA A 13 -5.15 -19.49 -6.62
CA ALA A 13 -5.40 -18.21 -7.27
C ALA A 13 -4.99 -18.32 -8.75
N GLY A 14 -3.81 -18.82 -8.96
CA GLY A 14 -3.24 -18.82 -10.30
C GLY A 14 -3.90 -19.82 -11.24
N LEU A 15 -4.30 -20.93 -10.69
CA LEU A 15 -5.08 -21.93 -11.43
C LEU A 15 -6.49 -21.43 -11.84
N SER A 16 -7.13 -20.72 -10.92
CA SER A 16 -8.45 -20.17 -11.14
C SER A 16 -8.39 -19.11 -12.24
N ALA A 17 -7.35 -18.29 -12.23
CA ALA A 17 -7.00 -17.39 -13.34
C ALA A 17 -6.77 -18.12 -14.68
N ALA A 18 -5.87 -19.10 -14.67
CA ALA A 18 -5.60 -19.92 -15.84
C ALA A 18 -6.88 -20.52 -16.47
N LEU A 19 -7.81 -20.96 -15.61
CA LEU A 19 -9.04 -21.65 -16.06
C LEU A 19 -9.83 -20.67 -16.92
N GLN A 20 -10.03 -19.45 -16.45
CA GLN A 20 -10.76 -18.48 -17.26
C GLN A 20 -10.05 -18.21 -18.61
N LEU A 21 -8.72 -17.99 -18.56
CA LEU A 21 -7.95 -17.71 -19.80
C LEU A 21 -7.89 -18.89 -20.77
N GLY A 22 -7.81 -20.11 -20.28
CA GLY A 22 -7.84 -21.30 -21.12
C GLY A 22 -9.18 -21.46 -21.81
N ARG A 23 -10.29 -21.12 -21.10
CA ARG A 23 -11.61 -21.22 -21.73
C ARG A 23 -11.82 -20.15 -22.77
N ALA A 24 -11.18 -19.00 -22.60
CA ALA A 24 -11.04 -18.00 -23.68
C ALA A 24 -9.97 -18.36 -24.77
N ARG A 25 -9.32 -19.48 -24.63
CA ARG A 25 -8.34 -19.99 -25.58
C ARG A 25 -7.19 -18.98 -25.73
N LYS A 26 -6.80 -18.30 -24.66
CA LYS A 26 -5.64 -17.41 -24.76
C LYS A 26 -4.41 -18.28 -24.49
N ASN A 27 -3.28 -17.95 -25.16
CA ASN A 27 -1.99 -18.61 -25.00
C ASN A 27 -1.21 -18.16 -23.74
N ILE A 28 -1.30 -18.97 -22.69
CA ILE A 28 -0.74 -18.58 -21.39
C ILE A 28 0.21 -19.65 -20.82
N LEU A 29 1.08 -19.20 -19.96
CA LEU A 29 2.07 -20.00 -19.34
C LEU A 29 1.87 -19.87 -17.85
N LEU A 30 1.60 -20.98 -17.18
CA LEU A 30 1.67 -20.98 -15.73
C LEU A 30 3.02 -21.45 -15.21
N VAL A 31 3.67 -20.66 -14.35
CA VAL A 31 4.91 -21.07 -13.77
C VAL A 31 4.71 -21.25 -12.29
N ASP A 32 5.04 -22.42 -11.77
CA ASP A 32 4.78 -22.68 -10.34
C ASP A 32 5.88 -23.47 -9.66
N ALA A 33 6.25 -23.02 -8.46
CA ALA A 33 7.34 -23.66 -7.67
C ALA A 33 6.78 -24.72 -6.71
N GLY A 34 5.46 -24.80 -6.57
CA GLY A 34 4.80 -25.92 -5.88
C GLY A 34 4.94 -25.93 -4.35
N GLU A 35 5.10 -24.77 -3.74
CA GLU A 35 5.22 -24.70 -2.28
C GLU A 35 4.11 -23.81 -1.78
N ARG A 36 3.00 -24.44 -1.43
CA ARG A 36 1.78 -23.70 -1.07
C ARG A 36 1.72 -23.43 0.45
N ARG A 37 1.18 -22.28 0.77
CA ARG A 37 1.08 -21.82 2.12
C ARG A 37 0.43 -22.86 3.08
N ASN A 38 -0.56 -23.60 2.63
CA ASN A 38 -1.27 -24.56 3.50
C ASN A 38 -0.73 -25.99 3.47
N ARG A 39 0.49 -26.17 2.98
CA ARG A 39 1.07 -27.50 2.84
C ARG A 39 1.24 -28.14 4.18
N PHE A 40 1.30 -27.32 5.21
CA PHE A 40 1.54 -27.83 6.55
C PHE A 40 0.28 -28.46 7.16
N ALA A 41 -0.88 -28.23 6.56
CA ALA A 41 -2.15 -28.71 7.20
C ALA A 41 -2.60 -29.99 6.54
N SER A 42 -3.28 -30.86 7.30
CA SER A 42 -3.73 -32.11 6.71
C SER A 42 -5.01 -31.96 5.92
N HIS A 43 -5.97 -31.10 6.35
CA HIS A 43 -7.24 -30.96 5.64
C HIS A 43 -7.67 -29.48 5.51
N SER A 44 -8.35 -29.17 4.42
CA SER A 44 -8.75 -27.87 4.15
C SER A 44 -10.17 -27.74 4.66
N HIS A 45 -10.54 -26.51 5.07
CA HIS A 45 -11.92 -26.28 5.47
C HIS A 45 -12.38 -24.95 5.04
N GLY A 46 -13.71 -24.87 4.89
CA GLY A 46 -14.35 -23.58 4.58
C GLY A 46 -14.58 -23.23 3.13
N PHE A 47 -14.13 -24.04 2.19
CA PHE A 47 -14.30 -23.73 0.77
C PHE A 47 -15.38 -24.63 0.23
N LEU A 48 -16.45 -24.02 -0.26
CA LEU A 48 -17.69 -24.75 -0.70
C LEU A 48 -17.39 -25.91 -1.66
N GLY A 49 -17.91 -27.09 -1.37
CA GLY A 49 -17.62 -28.27 -2.16
C GLY A 49 -16.41 -29.06 -1.70
N GLN A 50 -15.55 -28.46 -0.88
CA GLN A 50 -14.27 -29.09 -0.54
C GLN A 50 -13.98 -29.08 0.92
N ASP A 51 -15.02 -28.96 1.71
CA ASP A 51 -14.82 -28.84 3.13
C ASP A 51 -14.37 -30.19 3.67
N GLY A 52 -13.19 -30.26 4.24
CA GLY A 52 -12.66 -31.54 4.66
C GLY A 52 -11.63 -32.19 3.75
N LYS A 53 -11.45 -31.70 2.54
CA LYS A 53 -10.59 -32.37 1.60
C LYS A 53 -9.12 -32.00 1.86
N ALA A 54 -8.22 -32.92 1.59
CA ALA A 54 -6.80 -32.63 1.70
C ALA A 54 -6.40 -31.50 0.69
N PRO A 55 -5.59 -30.53 1.16
CA PRO A 55 -5.37 -29.35 0.30
C PRO A 55 -4.69 -29.69 -1.02
N GLY A 56 -3.78 -30.64 -0.97
CA GLY A 56 -3.16 -31.17 -2.16
C GLY A 56 -4.06 -31.90 -3.13
N GLU A 57 -5.15 -32.52 -2.63
CA GLU A 57 -6.10 -33.19 -3.47
C GLU A 57 -6.98 -32.15 -4.15
N ILE A 58 -7.39 -31.08 -3.47
CA ILE A 58 -8.12 -30.04 -4.16
C ILE A 58 -7.27 -29.58 -5.38
N ILE A 59 -5.98 -29.33 -5.14
CA ILE A 59 -5.07 -28.88 -6.23
C ILE A 59 -5.02 -29.94 -7.32
N ALA A 60 -4.89 -31.23 -6.91
CA ALA A 60 -4.67 -32.28 -7.89
C ALA A 60 -5.87 -32.39 -8.79
N GLU A 61 -7.06 -32.28 -8.21
CA GLU A 61 -8.22 -32.33 -9.05
C GLU A 61 -8.46 -31.09 -9.93
N ALA A 62 -8.09 -29.89 -9.43
CA ALA A 62 -8.21 -28.70 -10.19
C ALA A 62 -7.34 -28.81 -11.43
N ARG A 63 -6.11 -29.28 -11.22
CA ARG A 63 -5.14 -29.48 -12.26
C ARG A 63 -5.55 -30.47 -13.35
N ARG A 64 -6.17 -31.58 -12.97
CA ARG A 64 -6.60 -32.56 -13.96
C ARG A 64 -7.58 -31.86 -14.89
N GLN A 65 -8.44 -31.02 -14.31
CA GLN A 65 -9.47 -30.33 -15.08
C GLN A 65 -8.85 -29.27 -15.99
N ILE A 66 -7.90 -28.52 -15.44
CA ILE A 66 -7.33 -27.37 -16.16
C ILE A 66 -6.35 -27.83 -17.28
N GLU A 67 -5.72 -28.98 -17.09
CA GLU A 67 -4.87 -29.55 -18.10
C GLU A 67 -5.61 -29.96 -19.36
N ARG A 68 -6.92 -30.05 -19.35
CA ARG A 68 -7.63 -30.36 -20.58
C ARG A 68 -7.72 -29.19 -21.55
N TYR A 69 -7.30 -27.99 -21.15
CA TYR A 69 -7.25 -26.81 -22.06
C TYR A 69 -5.91 -26.66 -22.79
N PRO A 70 -5.88 -26.87 -24.14
CA PRO A 70 -4.56 -26.94 -24.79
C PRO A 70 -3.86 -25.62 -24.90
N THR A 71 -4.53 -24.48 -24.67
CA THR A 71 -3.80 -23.23 -24.68
C THR A 71 -3.18 -22.84 -23.35
N ILE A 72 -3.51 -23.56 -22.31
CA ILE A 72 -2.85 -23.37 -21.06
C ILE A 72 -1.52 -24.17 -21.10
N HIS A 73 -0.41 -23.45 -20.97
CA HIS A 73 0.92 -24.08 -20.84
C HIS A 73 1.45 -24.03 -19.40
N TRP A 74 2.32 -24.99 -19.06
CA TRP A 74 2.75 -25.25 -17.67
C TRP A 74 4.26 -25.46 -17.64
N VAL A 75 4.93 -24.80 -16.72
CA VAL A 75 6.33 -25.07 -16.35
C VAL A 75 6.36 -25.18 -14.83
N GLU A 76 7.06 -26.22 -14.35
CA GLU A 76 7.39 -26.33 -12.90
C GLU A 76 8.68 -25.65 -12.67
N GLY A 77 8.74 -24.65 -11.83
CA GLY A 77 9.93 -23.83 -11.75
C GLY A 77 9.63 -22.60 -10.96
N ARG A 78 10.68 -21.85 -10.66
CA ARG A 78 10.55 -20.63 -9.92
C ARG A 78 11.02 -19.42 -10.71
N VAL A 79 10.17 -18.37 -10.79
CA VAL A 79 10.57 -17.12 -11.38
C VAL A 79 11.52 -16.37 -10.49
N THR A 80 12.76 -16.25 -11.00
CA THR A 80 13.85 -15.64 -10.30
C THR A 80 14.01 -14.20 -10.73
N ASP A 81 13.40 -13.80 -11.84
CA ASP A 81 13.39 -12.38 -12.23
C ASP A 81 12.25 -12.10 -13.19
N ALA A 82 11.81 -10.88 -13.19
CA ALA A 82 10.73 -10.46 -14.08
C ALA A 82 10.96 -8.99 -14.27
N LYS A 83 10.87 -8.58 -15.51
CA LYS A 83 10.96 -7.16 -15.81
C LYS A 83 10.19 -6.79 -17.07
N GLY A 84 10.15 -5.50 -17.34
CA GLY A 84 9.70 -4.96 -18.61
C GLY A 84 8.51 -4.08 -18.39
N SER A 85 7.70 -3.92 -19.44
CA SER A 85 6.51 -3.11 -19.32
C SER A 85 5.37 -3.60 -20.24
N PHE A 86 4.23 -2.95 -20.19
CA PHE A 86 3.01 -3.38 -20.88
C PHE A 86 3.32 -3.90 -22.29
N GLY A 87 2.84 -5.09 -22.55
CA GLY A 87 3.06 -5.66 -23.85
C GLY A 87 4.43 -6.30 -24.04
N GLU A 88 5.39 -6.08 -23.14
CA GLU A 88 6.66 -6.78 -23.31
C GLU A 88 7.30 -7.09 -21.95
N PHE A 89 6.84 -8.12 -21.27
CA PHE A 89 7.41 -8.48 -19.99
C PHE A 89 8.36 -9.62 -20.24
N ILE A 90 9.39 -9.69 -19.41
CA ILE A 90 10.36 -10.77 -19.53
C ILE A 90 10.54 -11.43 -18.16
N VAL A 91 10.50 -12.75 -18.16
CA VAL A 91 10.47 -13.53 -17.00
C VAL A 91 11.68 -14.50 -17.09
N GLU A 92 12.48 -14.55 -16.02
CA GLU A 92 13.52 -15.54 -15.92
C GLU A 92 13.11 -16.65 -14.93
N ILE A 93 13.28 -17.93 -15.33
CA ILE A 93 12.89 -19.09 -14.57
C ILE A 93 14.12 -19.92 -14.10
N ASP A 94 14.23 -20.19 -12.80
CA ASP A 94 15.34 -20.94 -12.23
C ASP A 94 16.69 -20.38 -12.66
N GLY A 95 16.84 -19.03 -12.64
CA GLY A 95 18.02 -18.32 -13.19
C GLY A 95 18.48 -18.69 -14.62
N GLY A 96 17.85 -19.66 -15.28
CA GLY A 96 18.15 -20.03 -16.67
C GLY A 96 17.10 -19.47 -17.64
N ARG A 97 16.54 -20.34 -18.48
CA ARG A 97 15.25 -20.18 -19.15
C ARG A 97 14.49 -18.79 -19.07
N ARG A 98 14.09 -18.26 -20.23
CA ARG A 98 13.59 -16.88 -20.30
C ARG A 98 12.34 -16.95 -21.13
N GLU A 99 11.29 -16.26 -20.71
CA GLU A 99 10.06 -16.32 -21.45
C GLU A 99 9.52 -14.93 -21.51
N THR A 100 8.70 -14.62 -22.51
CA THR A 100 8.15 -13.27 -22.62
C THR A 100 6.62 -13.28 -22.72
N ALA A 101 5.98 -12.19 -22.34
CA ALA A 101 4.50 -12.15 -22.30
C ALA A 101 3.99 -10.73 -22.38
N GLY A 102 2.79 -10.55 -22.94
CA GLY A 102 2.25 -9.22 -23.02
C GLY A 102 1.58 -8.76 -21.74
N ARG A 103 1.16 -9.70 -20.90
CA ARG A 103 0.59 -9.40 -19.57
C ARG A 103 1.15 -10.37 -18.54
N LEU A 104 1.13 -9.94 -17.29
CA LEU A 104 1.51 -10.77 -16.14
C LEU A 104 0.38 -10.88 -15.10
N ILE A 105 0.23 -12.05 -14.50
CA ILE A 105 -0.64 -12.22 -13.30
C ILE A 105 0.24 -12.74 -12.20
N LEU A 106 0.24 -12.04 -11.06
CA LEU A 106 1.08 -12.40 -9.90
C LEU A 106 0.18 -13.14 -8.89
N ALA A 107 0.55 -14.38 -8.60
CA ALA A 107 -0.30 -15.28 -7.82
C ALA A 107 0.62 -16.13 -6.92
N MET A 108 1.65 -15.47 -6.35
CA MET A 108 2.76 -16.15 -5.66
C MET A 108 2.47 -16.54 -4.23
N GLY A 109 1.35 -16.10 -3.68
CA GLY A 109 1.04 -16.38 -2.27
C GLY A 109 2.01 -15.59 -1.40
N VAL A 110 2.08 -15.96 -0.12
CA VAL A 110 2.93 -15.31 0.85
C VAL A 110 3.57 -16.38 1.71
N THR A 111 4.65 -16.01 2.42
CA THR A 111 5.24 -16.91 3.40
C THR A 111 4.97 -16.36 4.77
N ASP A 112 4.73 -17.29 5.71
CA ASP A 112 4.41 -16.89 7.06
C ASP A 112 5.64 -16.83 7.94
N GLU A 113 5.94 -15.66 8.53
CA GLU A 113 7.04 -15.49 9.49
C GLU A 113 6.35 -15.51 10.91
N LEU A 114 6.74 -16.43 11.74
CA LEU A 114 6.09 -16.72 13.02
C LEU A 114 6.90 -16.13 14.15
N PRO A 115 6.29 -15.93 15.28
CA PRO A 115 7.07 -15.54 16.43
C PRO A 115 8.21 -16.52 16.72
N GLU A 116 9.30 -16.03 17.29
CA GLU A 116 10.43 -16.85 17.66
C GLU A 116 10.21 -17.49 19.02
N ILE A 117 9.45 -18.56 19.06
CA ILE A 117 9.17 -19.27 20.27
C ILE A 117 9.56 -20.71 20.03
N ALA A 118 10.48 -21.23 20.84
CA ALA A 118 10.91 -22.59 20.72
C ALA A 118 9.71 -23.48 20.61
N GLY A 119 9.74 -24.43 19.68
CA GLY A 119 8.67 -25.43 19.52
C GLY A 119 7.48 -25.05 18.63
N LEU A 120 7.36 -23.76 18.33
CA LEU A 120 6.20 -23.27 17.62
C LEU A 120 6.23 -23.69 16.15
N ARG A 121 7.34 -23.38 15.48
CA ARG A 121 7.47 -23.64 14.06
C ARG A 121 7.22 -25.11 13.69
N GLU A 122 7.76 -26.06 14.48
CA GLU A 122 7.61 -27.48 14.19
C GLU A 122 6.14 -27.90 14.22
N ARG A 123 5.34 -27.13 14.96
CA ARG A 123 3.94 -27.41 15.14
C ARG A 123 2.98 -26.68 14.20
N TRP A 124 3.51 -25.86 13.30
CA TRP A 124 2.69 -25.02 12.42
C TRP A 124 1.92 -25.93 11.50
N GLY A 125 0.60 -25.73 11.43
CA GLY A 125 -0.27 -26.43 10.59
C GLY A 125 -0.84 -27.72 11.20
N SER A 126 -0.31 -28.12 12.34
CA SER A 126 -0.78 -29.30 13.04
C SER A 126 -1.35 -29.00 14.44
N ALA A 127 -0.76 -28.09 15.18
CA ALA A 127 -1.28 -27.68 16.49
C ALA A 127 -1.23 -26.13 16.70
N VAL A 128 -0.52 -25.43 15.82
CA VAL A 128 -0.46 -23.96 15.80
C VAL A 128 -0.98 -23.42 14.46
N PHE A 129 -1.93 -22.48 14.45
CA PHE A 129 -2.60 -22.05 13.25
C PHE A 129 -2.71 -20.55 13.29
N HIS A 130 -3.25 -19.96 12.23
CA HIS A 130 -3.51 -18.56 12.17
C HIS A 130 -4.98 -18.17 12.01
N CYS A 131 -5.82 -19.06 11.52
CA CYS A 131 -7.14 -18.71 11.01
C CYS A 131 -8.20 -19.56 11.74
N PRO A 132 -9.00 -18.96 12.65
CA PRO A 132 -10.00 -19.74 13.36
C PRO A 132 -11.08 -20.44 12.50
N TYR A 133 -11.44 -19.86 11.36
CA TYR A 133 -12.42 -20.51 10.51
C TYR A 133 -11.78 -21.76 9.93
N CYS A 134 -10.49 -21.65 9.62
CA CYS A 134 -9.80 -22.76 9.01
C CYS A 134 -9.63 -23.98 9.92
N HIS A 135 -9.20 -23.75 11.13
CA HIS A 135 -8.82 -24.82 11.95
C HIS A 135 -9.36 -24.79 13.41
N GLY A 136 -10.28 -23.88 13.70
CA GLY A 136 -10.85 -23.86 15.04
C GLY A 136 -11.84 -24.98 15.31
N TYR A 137 -12.69 -25.31 14.33
CA TYR A 137 -13.84 -26.19 14.59
C TYR A 137 -13.41 -27.51 15.12
N GLU A 138 -12.36 -28.06 14.53
CA GLU A 138 -11.93 -29.43 14.82
C GLU A 138 -11.24 -29.54 16.19
N LEU A 139 -10.99 -28.40 16.87
CA LEU A 139 -10.52 -28.42 18.23
C LEU A 139 -11.66 -28.81 19.17
N ASP A 140 -12.86 -28.99 18.61
CA ASP A 140 -13.99 -29.56 19.36
C ASP A 140 -14.30 -28.85 20.69
N GLN A 141 -14.29 -27.54 20.65
CA GLN A 141 -14.60 -26.72 21.80
C GLN A 141 -13.73 -27.03 23.01
N GLY A 142 -12.52 -27.56 22.81
CA GLY A 142 -11.56 -27.62 23.91
C GLY A 142 -10.95 -26.27 24.26
N LYS A 143 -9.88 -26.31 25.05
CA LYS A 143 -9.14 -25.10 25.43
C LYS A 143 -8.23 -24.64 24.31
N ILE A 144 -8.26 -23.34 24.07
CA ILE A 144 -7.59 -22.78 22.93
C ILE A 144 -6.73 -21.63 23.37
N GLY A 145 -5.51 -21.57 22.81
CA GLY A 145 -4.61 -20.49 23.17
C GLY A 145 -4.48 -19.50 22.03
N VAL A 146 -4.28 -18.22 22.35
CA VAL A 146 -3.95 -17.20 21.35
C VAL A 146 -2.71 -16.48 21.78
N ILE A 147 -1.65 -16.55 20.98
CA ILE A 147 -0.38 -15.92 21.37
C ILE A 147 -0.26 -14.57 20.69
N ALA A 148 -0.07 -13.50 21.46
CA ALA A 148 0.17 -12.18 20.82
C ALA A 148 1.47 -12.21 20.00
N ALA A 149 1.39 -11.78 18.76
CA ALA A 149 2.58 -11.49 17.91
C ALA A 149 2.52 -10.12 17.25
N SER A 150 1.40 -9.40 17.33
CA SER A 150 1.14 -8.27 16.41
C SER A 150 0.27 -7.25 17.07
N PRO A 151 0.12 -6.06 16.42
CA PRO A 151 -0.72 -4.96 16.94
C PRO A 151 -2.13 -5.46 17.17
N MET A 152 -2.66 -6.14 16.15
CA MET A 152 -3.95 -6.83 16.17
C MET A 152 -4.19 -7.94 17.19
N ALA A 153 -3.29 -8.15 18.14
CA ALA A 153 -3.41 -9.35 18.98
C ALA A 153 -4.78 -9.42 19.66
N ILE A 154 -5.28 -8.30 20.21
CA ILE A 154 -6.45 -8.33 21.06
C ILE A 154 -7.71 -8.67 20.24
N HIS A 155 -7.74 -8.20 19.00
CA HIS A 155 -8.83 -8.48 18.10
C HIS A 155 -8.94 -9.96 17.86
N HIS A 156 -7.80 -10.62 17.62
CA HIS A 156 -7.71 -12.09 17.34
C HIS A 156 -8.13 -12.83 18.60
N ALA A 157 -7.72 -12.35 19.76
CA ALA A 157 -8.11 -12.98 21.00
C ALA A 157 -9.62 -12.91 21.20
N LEU A 158 -10.23 -11.78 20.90
CA LEU A 158 -11.66 -11.63 21.13
C LEU A 158 -12.47 -12.52 20.19
N MET A 159 -11.86 -13.07 19.14
CA MET A 159 -12.63 -13.93 18.23
C MET A 159 -12.77 -15.38 18.74
N LEU A 160 -11.72 -15.86 19.39
CA LEU A 160 -11.59 -17.28 19.66
C LEU A 160 -12.56 -17.88 20.70
N PRO A 161 -13.12 -17.07 21.62
CA PRO A 161 -14.18 -17.64 22.47
C PRO A 161 -15.30 -18.35 21.75
N ASP A 162 -15.66 -17.96 20.53
CA ASP A 162 -16.68 -18.71 19.76
C ASP A 162 -16.27 -20.14 19.38
N TRP A 163 -14.98 -20.48 19.56
CA TRP A 163 -14.42 -21.82 19.29
C TRP A 163 -14.04 -22.67 20.49
N GLY A 164 -13.86 -22.06 21.63
CA GLY A 164 -13.55 -22.84 22.86
C GLY A 164 -13.19 -21.92 23.99
N GLU A 165 -12.71 -22.47 25.06
CA GLU A 165 -12.32 -21.64 26.21
C GLU A 165 -10.90 -21.13 25.96
N THR A 166 -10.81 -19.84 25.86
CA THR A 166 -9.67 -19.18 25.25
C THR A 166 -8.76 -18.62 26.34
N THR A 167 -7.47 -18.83 26.20
CA THR A 167 -6.43 -18.11 26.94
C THR A 167 -5.58 -17.30 26.00
N PHE A 168 -5.49 -16.01 26.29
CA PHE A 168 -4.74 -15.06 25.53
C PHE A 168 -3.39 -14.81 26.27
N PHE A 169 -2.30 -15.16 25.58
CA PHE A 169 -0.94 -15.03 26.10
C PHE A 169 -0.38 -13.76 25.53
N THR A 170 -0.32 -12.70 26.33
CA THR A 170 0.15 -11.45 25.77
C THR A 170 1.68 -11.48 25.48
N ASN A 171 2.42 -12.36 26.12
CA ASN A 171 3.83 -12.62 25.89
C ASN A 171 4.75 -11.38 25.86
N GLY A 172 4.45 -10.37 26.68
CA GLY A 172 5.16 -9.10 26.63
C GLY A 172 4.92 -8.24 25.40
N ILE A 173 4.06 -8.66 24.49
CA ILE A 173 3.92 -7.92 23.25
C ILE A 173 2.93 -6.77 23.38
N VAL A 174 1.93 -6.91 24.24
CA VAL A 174 0.79 -6.01 24.29
C VAL A 174 0.34 -5.97 25.74
N GLU A 175 -0.15 -4.82 26.15
CA GLU A 175 -0.66 -4.61 27.49
C GLU A 175 -2.02 -3.95 27.29
N PRO A 176 -3.13 -4.67 27.49
CA PRO A 176 -4.47 -4.11 27.20
C PRO A 176 -4.76 -2.89 28.07
N ASP A 177 -5.57 -1.95 27.57
CA ASP A 177 -6.03 -0.81 28.39
C ASP A 177 -7.28 -1.19 29.16
N ALA A 178 -7.77 -0.27 29.98
CA ALA A 178 -8.84 -0.62 30.88
C ALA A 178 -10.03 -1.12 30.09
N ASP A 179 -10.34 -0.47 28.98
CA ASP A 179 -11.48 -0.91 28.19
C ASP A 179 -11.25 -2.29 27.58
N GLN A 180 -10.05 -2.54 27.08
CA GLN A 180 -9.71 -3.87 26.54
C GLN A 180 -9.73 -4.96 27.63
N HIS A 181 -9.26 -4.62 28.83
CA HIS A 181 -9.22 -5.51 29.97
C HIS A 181 -10.65 -5.88 30.25
N ALA A 182 -11.53 -4.88 30.20
CA ALA A 182 -12.91 -5.11 30.56
C ALA A 182 -13.62 -5.96 29.50
N LEU A 183 -13.33 -5.74 28.25
CA LEU A 183 -13.92 -6.52 27.15
C LEU A 183 -13.47 -7.99 27.14
N LEU A 184 -12.15 -8.20 27.28
CA LEU A 184 -11.61 -9.55 27.43
C LEU A 184 -12.30 -10.32 28.54
N ALA A 185 -12.55 -9.69 29.66
CA ALA A 185 -13.26 -10.36 30.76
C ALA A 185 -14.71 -10.74 30.38
N ALA A 186 -15.44 -9.80 29.80
CA ALA A 186 -16.88 -9.99 29.47
C ALA A 186 -17.02 -11.05 28.41
N ARG A 187 -16.09 -11.10 27.48
CA ARG A 187 -16.06 -12.16 26.48
C ARG A 187 -15.54 -13.52 26.96
N GLY A 188 -15.19 -13.61 28.24
CA GLY A 188 -14.73 -14.84 28.84
C GLY A 188 -13.30 -15.26 28.42
N VAL A 189 -12.43 -14.31 28.12
CA VAL A 189 -11.03 -14.64 27.80
C VAL A 189 -10.17 -14.68 29.09
N ARG A 190 -9.44 -15.77 29.30
CA ARG A 190 -8.35 -15.70 30.28
C ARG A 190 -7.12 -14.99 29.70
N VAL A 191 -6.72 -13.89 30.33
CA VAL A 191 -5.52 -13.17 29.93
C VAL A 191 -4.29 -13.65 30.72
N GLU A 192 -3.32 -14.26 30.04
CA GLU A 192 -2.08 -14.71 30.72
C GLU A 192 -0.91 -13.82 30.32
N THR A 193 -0.31 -13.12 31.27
CA THR A 193 0.72 -12.14 30.94
C THR A 193 2.14 -12.68 31.12
N THR A 194 2.28 -13.88 31.71
CA THR A 194 3.60 -14.49 31.92
C THR A 194 4.19 -14.82 30.57
N ARG A 195 5.48 -14.57 30.38
CA ARG A 195 6.15 -14.94 29.13
C ARG A 195 6.20 -16.43 28.83
N ILE A 196 6.22 -16.71 27.53
CA ILE A 196 6.26 -18.06 27.04
C ILE A 196 7.68 -18.51 26.83
N ARG A 197 8.03 -19.64 27.40
CA ARG A 197 9.32 -20.25 27.26
C ARG A 197 9.38 -21.16 26.01
N GLU A 198 8.43 -22.07 25.85
CA GLU A 198 8.36 -22.91 24.68
C GLU A 198 6.99 -23.55 24.53
N ILE A 199 6.74 -24.09 23.33
CA ILE A 199 5.59 -24.91 23.08
C ILE A 199 6.06 -26.40 23.10
N ALA A 200 5.42 -27.21 23.94
CA ALA A 200 5.81 -28.61 24.13
C ALA A 200 4.61 -29.54 23.94
N GLY A 201 4.81 -30.85 23.91
CA GLY A 201 3.65 -31.75 23.85
C GLY A 201 2.89 -31.52 22.53
N HIS A 202 1.57 -31.64 22.56
CA HIS A 202 0.79 -31.35 21.37
C HIS A 202 0.78 -29.84 21.20
N ALA A 203 0.15 -29.17 22.14
CA ALA A 203 0.06 -27.69 22.17
C ALA A 203 0.06 -27.23 23.65
N ASP A 204 1.06 -27.70 24.38
CA ASP A 204 1.26 -27.25 25.76
C ASP A 204 2.13 -26.00 25.80
N VAL A 205 1.65 -24.90 26.35
CA VAL A 205 2.47 -23.72 26.47
C VAL A 205 3.21 -23.83 27.82
N VAL A 206 4.53 -23.82 27.78
CA VAL A 206 5.34 -23.77 29.00
C VAL A 206 5.68 -22.35 29.25
N LEU A 207 5.26 -21.85 30.40
CA LEU A 207 5.48 -20.47 30.74
C LEU A 207 6.80 -20.29 31.51
N ALA A 208 7.33 -19.09 31.44
CA ALA A 208 8.60 -18.69 32.07
C ALA A 208 8.63 -18.86 33.60
N ASP A 209 7.45 -18.95 34.22
CA ASP A 209 7.36 -19.15 35.67
C ASP A 209 7.30 -20.60 36.10
N GLY A 210 7.36 -21.50 35.13
CA GLY A 210 7.36 -22.90 35.40
C GLY A 210 6.05 -23.63 35.13
N ARG A 211 4.96 -22.89 34.98
CA ARG A 211 3.67 -23.49 34.71
C ARG A 211 3.59 -23.93 33.26
N SER A 212 2.84 -25.01 33.04
CA SER A 212 2.52 -25.45 31.70
C SER A 212 0.98 -25.46 31.49
N ILE A 213 0.48 -24.92 30.36
CA ILE A 213 -0.97 -24.89 30.10
C ILE A 213 -1.27 -25.81 28.89
N ALA A 214 -2.04 -26.88 29.13
CA ALA A 214 -2.36 -27.89 28.14
C ALA A 214 -3.48 -27.40 27.27
N LEU A 215 -3.24 -27.24 25.97
CA LEU A 215 -4.27 -26.71 25.10
C LEU A 215 -4.53 -27.67 23.97
N ALA A 216 -5.69 -27.54 23.33
CA ALA A 216 -6.04 -28.46 22.26
C ALA A 216 -5.38 -27.91 20.98
N GLY A 217 -5.19 -26.59 20.94
CA GLY A 217 -4.55 -25.93 19.79
C GLY A 217 -4.22 -24.48 20.10
N LEU A 218 -3.39 -23.89 19.26
CA LEU A 218 -2.92 -22.54 19.46
C LEU A 218 -3.12 -21.74 18.23
N PHE A 219 -3.37 -20.43 18.35
CA PHE A 219 -3.43 -19.54 17.20
C PHE A 219 -2.47 -18.35 17.41
N THR A 220 -1.82 -17.89 16.34
CA THR A 220 -1.07 -16.65 16.44
C THR A 220 -1.11 -15.97 15.10
N GLN A 221 -0.58 -14.76 15.02
CA GLN A 221 -0.72 -14.03 13.82
C GLN A 221 0.66 -13.85 13.11
N PRO A 222 0.80 -14.43 11.92
CA PRO A 222 2.07 -14.51 11.27
C PRO A 222 2.29 -13.19 10.53
N LYS A 223 3.53 -12.84 10.31
CA LYS A 223 3.82 -11.69 9.47
C LYS A 223 3.98 -12.22 8.05
N LEU A 224 3.34 -11.59 7.09
CA LEU A 224 3.34 -12.13 5.72
C LEU A 224 4.47 -11.54 4.87
N ARG A 225 5.30 -12.40 4.30
CA ARG A 225 6.38 -12.00 3.41
C ARG A 225 6.14 -12.40 1.95
N ILE A 226 6.50 -11.53 1.02
CA ILE A 226 6.44 -11.87 -0.41
C ILE A 226 7.83 -12.25 -0.82
N THR A 227 8.09 -13.47 -1.24
CA THR A 227 9.51 -13.95 -1.28
C THR A 227 10.09 -13.87 -2.68
N VAL A 228 9.93 -12.73 -3.33
CA VAL A 228 10.62 -12.47 -4.57
C VAL A 228 11.31 -11.14 -4.39
N ASP A 229 12.39 -10.90 -5.13
CA ASP A 229 13.11 -9.63 -4.97
C ASP A 229 12.87 -8.69 -6.12
N TRP A 230 11.90 -9.00 -7.00
CA TRP A 230 11.76 -8.28 -8.28
C TRP A 230 10.46 -7.49 -8.44
N ILE A 231 9.66 -7.34 -7.38
CA ILE A 231 8.39 -6.68 -7.54
C ILE A 231 8.69 -5.25 -7.88
N GLU A 232 9.73 -4.70 -7.25
CA GLU A 232 10.02 -3.27 -7.46
C GLU A 232 10.41 -3.04 -8.89
N LYS A 233 11.13 -3.97 -9.51
CA LYS A 233 11.52 -3.67 -10.87
C LYS A 233 10.36 -3.73 -11.85
N LEU A 234 9.26 -4.42 -11.51
CA LEU A 234 8.09 -4.44 -12.35
C LEU A 234 7.29 -3.18 -12.16
N GLY A 235 7.48 -2.54 -11.01
CA GLY A 235 6.81 -1.29 -10.74
C GLY A 235 5.49 -1.31 -9.96
N CYS A 236 5.11 -2.42 -9.32
CA CYS A 236 3.85 -2.52 -8.60
C CYS A 236 3.97 -1.87 -7.25
N ALA A 237 2.99 -1.12 -6.82
CA ALA A 237 3.03 -0.63 -5.44
C ALA A 237 2.66 -1.76 -4.46
N VAL A 238 3.32 -1.78 -3.32
CA VAL A 238 3.16 -2.77 -2.30
C VAL A 238 2.88 -2.06 -0.98
N GLU A 239 1.87 -2.55 -0.28
CA GLU A 239 1.53 -2.04 0.99
C GLU A 239 2.33 -2.80 2.03
N GLU A 240 3.06 -2.05 2.85
CA GLU A 240 3.96 -2.58 3.86
C GLU A 240 3.51 -2.06 5.22
N GLY A 241 3.18 -2.98 6.12
CA GLY A 241 2.71 -2.65 7.48
C GLY A 241 3.32 -3.63 8.47
N PRO A 242 2.97 -3.51 9.76
CA PRO A 242 3.46 -4.41 10.79
C PRO A 242 3.12 -5.86 10.54
N MET A 243 1.96 -6.16 9.94
CA MET A 243 1.69 -7.54 9.55
C MET A 243 2.07 -8.02 8.11
N GLY A 244 2.88 -7.23 7.42
CA GLY A 244 3.67 -7.72 6.30
C GLY A 244 3.38 -6.95 5.01
N SER A 245 3.42 -7.64 3.88
CA SER A 245 3.28 -6.97 2.60
C SER A 245 2.19 -7.54 1.75
N THR A 246 1.56 -6.68 0.97
CA THR A 246 0.49 -7.06 0.09
C THR A 246 0.65 -6.18 -1.15
N ILE A 247 0.51 -6.76 -2.35
CA ILE A 247 0.54 -6.01 -3.60
C ILE A 247 -0.76 -5.23 -3.69
N VAL A 248 -0.66 -3.95 -4.03
CA VAL A 248 -1.87 -3.11 -4.13
C VAL A 248 -2.63 -3.50 -5.39
N THR A 249 -3.93 -3.69 -5.31
CA THR A 249 -4.76 -3.88 -6.50
C THR A 249 -6.05 -3.06 -6.41
N ASP A 250 -6.62 -2.79 -7.58
CA ASP A 250 -7.97 -2.21 -7.67
C ASP A 250 -9.02 -3.32 -7.62
N PRO A 251 -10.34 -2.96 -7.65
CA PRO A 251 -11.36 -3.99 -7.53
C PRO A 251 -11.35 -4.96 -8.69
N MET A 252 -10.82 -4.59 -9.84
CA MET A 252 -10.64 -5.56 -10.95
C MET A 252 -9.27 -6.38 -10.91
N LYS A 253 -8.54 -6.24 -9.80
CA LYS A 253 -7.25 -6.96 -9.54
C LYS A 253 -6.06 -6.50 -10.36
N GLN A 254 -6.11 -5.30 -10.92
CA GLN A 254 -4.99 -4.72 -11.59
C GLN A 254 -4.15 -4.01 -10.54
N THR A 255 -2.85 -4.21 -10.66
CA THR A 255 -1.85 -3.55 -9.81
C THR A 255 -1.64 -2.15 -10.29
N THR A 256 -0.80 -1.37 -9.63
CA THR A 256 -0.58 0.02 -10.12
C THR A 256 0.24 0.02 -11.41
N ALA A 257 0.73 -1.13 -11.85
CA ALA A 257 1.50 -1.23 -13.09
C ALA A 257 0.59 -1.76 -14.22
N ARG A 258 0.46 -0.99 -15.32
CA ARG A 258 -0.35 -1.45 -16.43
C ARG A 258 0.05 -2.81 -16.99
N GLY A 259 -0.91 -3.67 -17.11
CA GLY A 259 -0.69 -4.97 -17.69
C GLY A 259 -0.36 -6.05 -16.71
N ILE A 260 -0.25 -5.72 -15.42
CA ILE A 260 0.11 -6.67 -14.34
C ILE A 260 -1.09 -6.73 -13.40
N PHE A 261 -1.64 -7.92 -13.15
CA PHE A 261 -2.73 -8.17 -12.20
C PHE A 261 -2.16 -9.06 -11.07
N ALA A 262 -2.84 -9.09 -9.95
CA ALA A 262 -2.43 -9.88 -8.79
C ALA A 262 -3.68 -10.40 -8.11
N CYS A 263 -3.55 -11.57 -7.53
CA CYS A 263 -4.64 -12.29 -6.93
C CYS A 263 -4.19 -13.35 -5.89
N GLY A 264 -5.08 -13.67 -4.96
CA GLY A 264 -4.72 -14.60 -3.89
C GLY A 264 -4.10 -13.88 -2.74
N ASP A 265 -3.47 -14.63 -1.86
CA ASP A 265 -2.90 -14.04 -0.62
C ASP A 265 -1.82 -12.92 -0.90
N VAL A 266 -1.08 -13.05 -1.99
CA VAL A 266 -0.16 -11.95 -2.43
C VAL A 266 -0.86 -10.60 -2.54
N ALA A 267 -2.18 -10.59 -2.71
CA ALA A 267 -2.94 -9.34 -2.88
C ALA A 267 -4.10 -9.18 -1.90
N ARG A 268 -4.18 -10.05 -0.90
CA ARG A 268 -5.17 -9.96 0.15
C ARG A 268 -4.56 -10.43 1.48
N PRO A 269 -4.33 -9.53 2.45
CA PRO A 269 -3.68 -9.96 3.73
C PRO A 269 -4.45 -10.91 4.65
N ALA A 270 -5.78 -11.06 4.47
CA ALA A 270 -6.51 -12.06 5.26
C ALA A 270 -7.17 -13.05 4.24
N GLY A 271 -6.39 -13.80 3.47
CA GLY A 271 -6.99 -14.60 2.42
C GLY A 271 -7.45 -15.96 2.89
N SER A 272 -8.12 -16.69 2.02
CA SER A 272 -8.63 -18.06 2.19
C SER A 272 -8.67 -18.66 0.81
N VAL A 273 -8.98 -19.95 0.74
CA VAL A 273 -9.02 -20.59 -0.52
C VAL A 273 -10.20 -20.03 -1.31
N ALA A 274 -11.36 -19.86 -0.67
CA ALA A 274 -12.52 -19.33 -1.37
C ALA A 274 -12.22 -18.00 -2.05
N LEU A 275 -11.51 -17.14 -1.32
CA LEU A 275 -11.17 -15.83 -1.86
C LEU A 275 -10.08 -15.83 -2.89
N ALA A 276 -9.13 -16.75 -2.75
CA ALA A 276 -8.09 -16.91 -3.77
C ALA A 276 -8.75 -17.30 -5.11
N VAL A 277 -9.69 -18.23 -5.05
CA VAL A 277 -10.37 -18.73 -6.23
C VAL A 277 -11.17 -17.63 -6.87
N GLY A 278 -11.92 -16.90 -6.08
CA GLY A 278 -12.69 -15.72 -6.59
C GLY A 278 -11.83 -14.66 -7.22
N ASP A 279 -10.74 -14.31 -6.52
CA ASP A 279 -9.89 -13.24 -6.96
C ASP A 279 -9.10 -13.69 -8.21
N GLY A 280 -8.66 -14.94 -8.26
CA GLY A 280 -8.02 -15.50 -9.45
C GLY A 280 -8.93 -15.47 -10.66
N ALA A 281 -10.19 -15.83 -10.46
CA ALA A 281 -11.17 -15.78 -11.57
C ALA A 281 -11.30 -14.36 -12.10
N MET A 282 -11.39 -13.39 -11.20
N MET A 282 -11.38 -13.39 -11.19
CA MET A 282 -11.47 -11.98 -11.62
CA MET A 282 -11.49 -11.97 -11.55
C MET A 282 -10.23 -11.56 -12.36
C MET A 282 -10.23 -11.50 -12.30
N ALA A 283 -9.06 -11.93 -11.81
CA ALA A 283 -7.77 -11.57 -12.43
C ALA A 283 -7.60 -12.16 -13.85
N GLY A 284 -8.00 -13.40 -14.06
CA GLY A 284 -7.94 -13.97 -15.39
C GLY A 284 -8.85 -13.23 -16.38
N ALA A 285 -10.10 -12.98 -16.01
CA ALA A 285 -10.99 -12.21 -16.86
C ALA A 285 -10.44 -10.81 -17.11
N ALA A 286 -9.90 -10.16 -16.07
CA ALA A 286 -9.44 -8.77 -16.29
C ALA A 286 -8.25 -8.73 -17.24
N ALA A 287 -7.36 -9.71 -17.12
CA ALA A 287 -6.20 -9.77 -18.02
C ALA A 287 -6.70 -10.00 -19.45
N HIS A 288 -7.69 -10.88 -19.59
CA HIS A 288 -8.29 -11.12 -20.93
C HIS A 288 -8.86 -9.80 -21.48
N ARG A 289 -9.64 -9.10 -20.67
CA ARG A 289 -10.18 -7.85 -21.11
C ARG A 289 -9.07 -6.85 -21.47
N SER A 290 -7.91 -6.89 -20.78
CA SER A 290 -6.80 -5.95 -21.12
C SER A 290 -6.19 -6.27 -22.47
N ILE A 291 -6.33 -7.51 -22.91
CA ILE A 291 -5.87 -7.93 -24.24
C ILE A 291 -6.93 -7.53 -25.28
N LEU A 292 -8.22 -7.72 -24.96
CA LEU A 292 -9.30 -7.29 -25.86
C LEU A 292 -9.44 -5.78 -26.02
N PHE A 293 -9.38 -5.04 -24.94
CA PHE A 293 -9.53 -3.57 -25.03
C PHE A 293 -8.28 -2.91 -24.45
N PRO A 294 -7.22 -2.84 -25.25
CA PRO A 294 -5.96 -2.44 -24.64
C PRO A 294 -5.88 -0.93 -24.48
N MET B 1 -2.55 19.26 29.24
CA MET B 1 -3.15 17.92 29.26
C MET B 1 -3.71 17.34 27.93
N LYS B 2 -4.44 16.22 28.06
CA LYS B 2 -4.69 15.30 26.95
C LYS B 2 -5.73 15.84 25.99
N PHE B 3 -5.28 16.06 24.76
CA PHE B 3 -6.15 16.54 23.70
C PHE B 3 -7.08 15.43 23.20
N ASP B 4 -8.23 15.84 22.71
CA ASP B 4 -9.07 14.92 21.95
C ASP B 4 -8.32 14.41 20.70
N VAL B 5 -7.69 15.33 19.98
CA VAL B 5 -7.02 15.02 18.72
C VAL B 5 -5.79 15.84 18.67
N ILE B 6 -4.71 15.26 18.17
CA ILE B 6 -3.61 16.07 17.67
C ILE B 6 -3.52 15.91 16.17
N ILE B 7 -3.36 17.03 15.48
CA ILE B 7 -3.26 17.09 14.04
C ILE B 7 -1.82 17.49 13.75
N ILE B 8 -1.14 16.59 13.05
CA ILE B 8 0.26 16.77 12.71
C ILE B 8 0.37 17.24 11.27
N GLY B 9 0.71 18.51 11.10
CA GLY B 9 0.61 19.16 9.83
C GLY B 9 -0.59 20.11 9.80
N GLY B 10 -0.31 21.35 9.45
CA GLY B 10 -1.33 22.42 9.54
C GLY B 10 -1.38 23.22 8.26
N SER B 11 -1.39 22.57 7.09
CA SER B 11 -1.60 23.27 5.81
C SER B 11 -3.06 22.97 5.33
N TYR B 12 -3.28 22.81 4.03
CA TYR B 12 -4.66 22.68 3.51
C TYR B 12 -5.38 21.50 4.16
N ALA B 13 -4.73 20.36 4.27
CA ALA B 13 -5.46 19.16 4.78
C ALA B 13 -5.73 19.30 6.27
N GLY B 14 -4.69 19.63 6.99
CA GLY B 14 -4.73 19.79 8.42
C GLY B 14 -5.68 20.86 8.90
N LEU B 15 -5.60 22.04 8.28
CA LEU B 15 -6.49 23.16 8.62
C LEU B 15 -7.93 22.74 8.31
N SER B 16 -8.15 22.02 7.20
CA SER B 16 -9.52 21.66 6.83
C SER B 16 -10.11 20.71 7.91
N ALA B 17 -9.30 19.76 8.34
CA ALA B 17 -9.69 18.88 9.44
C ALA B 17 -10.00 19.65 10.73
N ALA B 18 -9.15 20.60 11.03
CA ALA B 18 -9.20 21.34 12.27
C ALA B 18 -10.52 22.12 12.35
N LEU B 19 -10.93 22.67 11.20
CA LEU B 19 -12.16 23.42 11.08
C LEU B 19 -13.34 22.56 11.49
N GLN B 20 -13.36 21.30 11.10
CA GLN B 20 -14.53 20.50 11.42
C GLN B 20 -14.55 20.24 12.93
N LEU B 21 -13.38 19.93 13.47
CA LEU B 21 -13.26 19.60 14.89
C LEU B 21 -13.49 20.81 15.79
N GLY B 22 -13.14 22.01 15.33
CA GLY B 22 -13.38 23.17 16.17
C GLY B 22 -14.86 23.49 16.18
N ARG B 23 -15.53 23.21 15.07
CA ARG B 23 -16.95 23.50 14.98
C ARG B 23 -17.78 22.53 15.83
N ALA B 24 -17.23 21.33 16.06
CA ALA B 24 -17.75 20.32 16.98
C ALA B 24 -17.27 20.55 18.42
N ARG B 25 -16.53 21.62 18.59
CA ARG B 25 -15.91 22.07 19.85
C ARG B 25 -15.15 20.99 20.54
N LYS B 26 -14.36 20.24 19.76
CA LYS B 26 -13.36 19.34 20.33
C LYS B 26 -12.06 20.03 20.67
N ASN B 27 -11.43 19.45 21.67
CA ASN B 27 -10.21 19.98 22.25
C ASN B 27 -9.05 19.44 21.44
N ILE B 28 -8.53 20.27 20.54
CA ILE B 28 -7.50 19.81 19.60
C ILE B 28 -6.24 20.64 19.63
N LEU B 29 -5.12 20.00 19.28
CA LEU B 29 -3.87 20.66 19.11
C LEU B 29 -3.40 20.51 17.69
N LEU B 30 -3.10 21.62 17.02
CA LEU B 30 -2.60 21.51 15.67
C LEU B 30 -1.16 21.90 15.74
N VAL B 31 -0.27 21.00 15.35
CA VAL B 31 1.16 21.29 15.26
C VAL B 31 1.70 21.38 13.81
N ASP B 32 2.21 22.54 13.43
CA ASP B 32 2.72 22.72 12.07
C ASP B 32 4.10 23.33 12.01
N ALA B 33 4.92 22.83 11.12
CA ALA B 33 6.25 23.36 10.87
C ALA B 33 6.33 24.37 9.71
N GLY B 34 5.22 24.62 8.99
CA GLY B 34 5.15 25.72 8.01
C GLY B 34 5.96 25.55 6.71
N GLU B 35 6.26 24.31 6.33
CA GLU B 35 7.02 24.02 5.13
C GLU B 35 6.11 23.26 4.16
N ARG B 36 5.42 24.01 3.31
CA ARG B 36 4.44 23.46 2.42
C ARG B 36 5.10 23.05 1.10
N ARG B 37 4.57 21.99 0.52
CA ARG B 37 5.06 21.43 -0.70
C ARG B 37 5.03 22.40 -1.87
N ASN B 38 4.08 23.33 -1.90
CA ASN B 38 3.93 24.31 -2.98
C ASN B 38 4.61 25.65 -2.71
N ARG B 39 5.52 25.68 -1.73
CA ARG B 39 6.15 26.96 -1.37
C ARG B 39 7.00 27.44 -2.50
N PHE B 40 7.38 26.52 -3.37
CA PHE B 40 8.24 26.87 -4.48
C PHE B 40 7.52 27.60 -5.62
N ALA B 41 6.19 27.67 -5.62
CA ALA B 41 5.44 28.33 -6.71
C ALA B 41 4.93 29.63 -6.15
N SER B 42 4.83 30.65 -6.98
CA SER B 42 4.29 31.93 -6.49
C SER B 42 2.77 32.03 -6.48
N HIS B 43 2.09 31.21 -7.29
CA HIS B 43 0.64 31.31 -7.37
C HIS B 43 0.00 29.95 -7.47
N SER B 44 -1.10 29.79 -6.77
CA SER B 44 -1.91 28.57 -6.82
C SER B 44 -3.00 28.63 -7.90
N HIS B 45 -3.30 27.49 -8.50
CA HIS B 45 -4.40 27.38 -9.48
C HIS B 45 -5.23 26.16 -9.27
N GLY B 46 -6.50 26.26 -9.67
CA GLY B 46 -7.39 25.10 -9.78
C GLY B 46 -8.29 24.79 -8.60
N PHE B 47 -8.15 25.54 -7.52
CA PHE B 47 -8.98 25.36 -6.33
C PHE B 47 -10.01 26.52 -6.25
N LEU B 48 -11.29 26.13 -6.26
CA LEU B 48 -12.40 27.08 -6.45
C LEU B 48 -12.39 28.21 -5.48
N GLY B 49 -12.44 29.41 -6.03
CA GLY B 49 -12.36 30.62 -5.25
C GLY B 49 -10.97 31.17 -4.98
N GLN B 50 -9.94 30.38 -5.27
CA GLN B 50 -8.57 30.83 -5.00
C GLN B 50 -7.72 30.69 -6.21
N ASP B 51 -8.34 30.70 -7.37
CA ASP B 51 -7.59 30.48 -8.59
C ASP B 51 -6.70 31.67 -8.79
N GLY B 52 -5.40 31.50 -8.81
CA GLY B 52 -4.50 32.63 -8.97
C GLY B 52 -4.00 33.26 -7.67
N LYS B 53 -4.54 32.85 -6.51
CA LYS B 53 -4.03 33.36 -5.21
C LYS B 53 -2.69 32.76 -4.87
N ALA B 54 -1.86 33.58 -4.22
CA ALA B 54 -0.59 33.17 -3.65
C ALA B 54 -0.87 32.11 -2.62
N PRO B 55 -0.17 30.97 -2.69
CA PRO B 55 -0.52 29.84 -1.84
C PRO B 55 -0.45 30.14 -0.36
N GLY B 56 0.49 30.99 0.06
CA GLY B 56 0.58 31.43 1.45
C GLY B 56 -0.53 32.33 1.95
N GLU B 57 -1.15 33.05 0.99
CA GLU B 57 -2.34 33.85 1.25
C GLU B 57 -3.56 32.95 1.53
N ILE B 58 -3.79 31.93 0.69
CA ILE B 58 -4.86 30.99 0.97
C ILE B 58 -4.71 30.49 2.43
N ILE B 59 -3.51 30.12 2.84
CA ILE B 59 -3.29 29.61 4.16
C ILE B 59 -3.59 30.65 5.21
N ALA B 60 -3.09 31.87 5.00
CA ALA B 60 -3.36 32.95 5.95
C ALA B 60 -4.86 33.25 6.15
N GLU B 61 -5.64 33.39 5.08
CA GLU B 61 -7.09 33.63 5.26
C GLU B 61 -7.69 32.46 6.00
N ALA B 62 -7.37 31.24 5.55
CA ALA B 62 -7.94 30.05 6.19
C ALA B 62 -7.66 30.02 7.70
N ARG B 63 -6.40 30.25 8.08
CA ARG B 63 -6.02 30.30 9.55
C ARG B 63 -6.77 31.31 10.41
N ARG B 64 -6.91 32.52 9.89
CA ARG B 64 -7.68 33.57 10.54
C ARG B 64 -9.05 33.10 10.86
N GLN B 65 -9.69 32.40 9.93
CA GLN B 65 -11.03 31.93 10.19
C GLN B 65 -11.01 30.86 11.26
N ILE B 66 -10.04 29.96 11.16
CA ILE B 66 -9.98 28.81 12.03
C ILE B 66 -9.59 29.17 13.48
N GLU B 67 -8.74 30.18 13.63
CA GLU B 67 -8.29 30.68 14.92
C GLU B 67 -9.45 31.20 15.75
N ARG B 68 -10.59 31.46 15.13
CA ARG B 68 -11.74 31.96 15.88
C ARG B 68 -12.45 30.89 16.72
N TYR B 69 -12.03 29.62 16.63
CA TYR B 69 -12.63 28.54 17.39
C TYR B 69 -11.71 28.31 18.57
N PRO B 70 -12.19 28.61 19.79
CA PRO B 70 -11.32 28.58 20.95
C PRO B 70 -10.83 27.23 21.38
N THR B 71 -11.45 26.13 20.96
CA THR B 71 -11.00 24.82 21.42
C THR B 71 -9.86 24.30 20.54
N ILE B 72 -9.48 25.07 19.53
CA ILE B 72 -8.31 24.72 18.72
C ILE B 72 -7.11 25.42 19.30
N HIS B 73 -6.06 24.64 19.60
CA HIS B 73 -4.79 25.19 20.09
C HIS B 73 -3.69 24.99 19.10
N TRP B 74 -2.77 25.92 19.03
CA TRP B 74 -1.79 25.90 17.95
C TRP B 74 -0.35 25.83 18.47
N VAL B 75 0.48 25.06 17.79
CA VAL B 75 1.91 25.06 18.08
C VAL B 75 2.68 25.16 16.76
N GLU B 76 3.61 26.09 16.67
CA GLU B 76 4.48 26.14 15.51
C GLU B 76 5.72 25.37 15.90
N GLY B 77 5.95 24.23 15.24
CA GLY B 77 7.01 23.29 15.61
C GLY B 77 6.93 22.01 14.74
N ARG B 78 7.85 21.08 14.99
CA ARG B 78 7.91 19.83 14.29
C ARG B 78 7.71 18.70 15.30
N VAL B 79 6.74 17.81 15.00
CA VAL B 79 6.61 16.55 15.70
C VAL B 79 7.73 15.64 15.26
N THR B 80 8.62 15.40 16.21
CA THR B 80 9.86 14.67 16.00
C THR B 80 9.73 13.25 16.53
N ASP B 81 8.66 12.93 17.24
CA ASP B 81 8.35 11.53 17.56
C ASP B 81 6.89 11.36 17.92
N ALA B 82 6.35 10.17 17.65
CA ALA B 82 4.96 9.86 17.92
C ALA B 82 4.88 8.36 18.17
N LYS B 83 4.18 7.97 19.22
CA LYS B 83 4.04 6.56 19.59
C LYS B 83 2.78 6.38 20.42
N GLY B 84 2.46 5.12 20.70
CA GLY B 84 1.34 4.74 21.56
C GLY B 84 0.28 4.00 20.82
N SER B 85 -0.97 4.11 21.24
CA SER B 85 -2.04 3.48 20.49
C SER B 85 -3.43 4.07 20.85
N PHE B 86 -4.49 3.46 20.34
CA PHE B 86 -5.84 4.03 20.43
C PHE B 86 -6.13 4.55 21.82
N GLY B 87 -6.54 5.80 21.95
CA GLY B 87 -6.74 6.41 23.25
C GLY B 87 -5.49 6.90 23.96
N GLU B 88 -4.30 6.44 23.59
CA GLU B 88 -3.06 6.76 24.33
C GLU B 88 -1.85 7.06 23.42
N PHE B 89 -1.90 8.18 22.69
CA PHE B 89 -0.82 8.55 21.79
C PHE B 89 0.05 9.57 22.48
N ILE B 90 1.37 9.47 22.34
CA ILE B 90 2.32 10.44 22.86
C ILE B 90 3.08 11.06 21.70
N VAL B 91 3.14 12.37 21.70
CA VAL B 91 3.78 13.08 20.63
C VAL B 91 4.92 13.87 21.23
N GLU B 92 6.05 13.92 20.52
CA GLU B 92 7.11 14.85 20.93
C GLU B 92 7.23 15.96 19.94
N ILE B 93 7.31 17.18 20.44
CA ILE B 93 7.53 18.36 19.63
C ILE B 93 8.94 18.91 19.87
N ASP B 94 9.69 19.10 18.79
CA ASP B 94 11.03 19.70 18.82
C ASP B 94 11.98 19.07 19.82
N GLY B 95 11.94 17.75 19.92
CA GLY B 95 12.89 17.03 20.75
C GLY B 95 12.63 17.15 22.24
N GLY B 96 11.78 18.07 22.66
CA GLY B 96 11.52 18.20 24.09
C GLY B 96 10.08 17.99 24.47
N ARG B 97 9.26 18.96 24.10
CA ARG B 97 7.91 19.05 24.62
C ARG B 97 7.09 17.80 24.34
N ARG B 98 6.25 17.46 25.28
CA ARG B 98 5.52 16.22 25.19
C ARG B 98 4.01 16.47 25.36
N GLU B 99 3.21 15.95 24.44
CA GLU B 99 1.77 16.05 24.54
C GLU B 99 1.15 14.71 24.29
N THR B 100 -0.13 14.58 24.67
CA THR B 100 -0.88 13.35 24.50
C THR B 100 -2.28 13.60 23.90
N ALA B 101 -2.83 12.56 23.28
CA ALA B 101 -4.12 12.64 22.66
C ALA B 101 -4.73 11.25 22.57
N GLY B 102 -6.05 11.19 22.54
CA GLY B 102 -6.74 9.94 22.23
C GLY B 102 -6.76 9.56 20.76
N ARG B 103 -6.61 10.54 19.87
CA ARG B 103 -6.61 10.34 18.39
C ARG B 103 -5.56 11.22 17.69
N LEU B 104 -5.11 10.76 16.53
CA LEU B 104 -4.17 11.53 15.71
C LEU B 104 -4.71 11.65 14.27
N ILE B 105 -4.46 12.80 13.68
CA ILE B 105 -4.62 12.99 12.24
C ILE B 105 -3.26 13.32 11.65
N LEU B 106 -2.86 12.56 10.64
CA LEU B 106 -1.54 12.76 9.96
C LEU B 106 -1.78 13.61 8.70
N ALA B 107 -1.18 14.78 8.66
CA ALA B 107 -1.43 15.71 7.54
C ALA B 107 -0.12 16.42 7.17
N MET B 108 0.97 15.63 7.13
CA MET B 108 2.32 16.13 7.03
C MET B 108 2.71 16.47 5.58
N GLY B 109 1.91 16.12 4.58
CA GLY B 109 2.29 16.35 3.20
C GLY B 109 3.47 15.42 2.83
N VAL B 110 4.09 15.67 1.68
CA VAL B 110 5.18 14.86 1.12
C VAL B 110 6.29 15.80 0.68
N THR B 111 7.48 15.22 0.52
CA THR B 111 8.63 15.89 -0.07
C THR B 111 8.89 15.28 -1.44
N ASP B 112 9.12 16.15 -2.41
CA ASP B 112 9.39 15.77 -3.76
C ASP B 112 10.88 15.43 -4.00
N GLU B 113 11.17 14.24 -4.46
CA GLU B 113 12.53 13.86 -4.78
C GLU B 113 12.56 13.86 -6.29
N LEU B 114 13.42 14.68 -6.85
CA LEU B 114 13.41 14.99 -8.27
C LEU B 114 14.52 14.19 -8.98
N PRO B 115 14.40 13.97 -10.30
CA PRO B 115 15.48 13.37 -11.10
C PRO B 115 16.79 14.11 -10.89
N GLU B 116 17.88 13.36 -10.89
CA GLU B 116 19.19 13.88 -10.54
C GLU B 116 19.85 14.48 -11.79
N ILE B 117 19.36 15.66 -12.17
CA ILE B 117 19.79 16.34 -13.36
C ILE B 117 20.21 17.71 -12.89
N ALA B 118 21.48 18.05 -13.09
CA ALA B 118 22.03 19.36 -12.66
C ALA B 118 21.09 20.45 -13.13
N GLY B 119 20.89 21.47 -12.30
CA GLY B 119 20.06 22.63 -12.69
C GLY B 119 18.56 22.43 -12.48
N LEU B 120 18.10 21.17 -12.29
CA LEU B 120 16.67 20.96 -12.19
C LEU B 120 16.05 21.36 -10.83
N ARG B 121 16.64 20.92 -9.72
CA ARG B 121 16.19 21.28 -8.38
C ARG B 121 16.00 22.80 -8.29
N GLU B 122 16.95 23.54 -8.85
CA GLU B 122 17.00 24.99 -8.77
C GLU B 122 15.78 25.64 -9.47
N ARG B 123 15.11 24.95 -10.38
CA ARG B 123 14.01 25.54 -11.16
C ARG B 123 12.63 24.99 -10.75
N TRP B 124 12.60 24.16 -9.70
CA TRP B 124 11.38 23.46 -9.32
C TRP B 124 10.38 24.48 -8.84
N GLY B 125 9.26 24.56 -9.50
CA GLY B 125 8.21 25.44 -9.09
C GLY B 125 8.22 26.73 -9.87
N SER B 126 9.29 27.05 -10.60
CA SER B 126 9.29 28.27 -11.36
C SER B 126 9.46 28.00 -12.83
N ALA B 127 10.14 26.96 -13.22
CA ALA B 127 10.26 26.57 -14.63
C ALA B 127 10.09 25.05 -14.86
N VAL B 128 10.23 24.29 -13.79
CA VAL B 128 10.05 22.84 -13.81
C VAL B 128 8.91 22.51 -12.89
N PHE B 129 7.94 21.74 -13.38
CA PHE B 129 6.70 21.43 -12.68
C PHE B 129 6.37 19.94 -12.78
N HIS B 130 5.31 19.52 -12.11
CA HIS B 130 4.85 18.14 -12.22
C HIS B 130 3.42 18.03 -12.67
N CYS B 131 2.67 19.10 -12.60
CA CYS B 131 1.21 18.99 -12.73
C CYS B 131 0.71 19.99 -13.78
N PRO B 132 0.28 19.49 -14.94
CA PRO B 132 -0.14 20.40 -16.01
C PRO B 132 -1.34 21.28 -15.67
N TYR B 133 -2.23 20.82 -14.79
CA TYR B 133 -3.40 21.64 -14.48
C TYR B 133 -2.94 22.81 -13.61
N CYS B 134 -1.98 22.57 -12.73
CA CYS B 134 -1.49 23.59 -11.84
C CYS B 134 -0.75 24.73 -12.54
N HIS B 135 0.11 24.39 -13.47
CA HIS B 135 1.01 25.38 -14.03
C HIS B 135 1.21 25.38 -15.53
N GLY B 136 0.46 24.55 -16.23
CA GLY B 136 0.49 24.46 -17.68
C GLY B 136 0.02 25.71 -18.35
N TYR B 137 -1.09 26.25 -17.90
CA TYR B 137 -1.83 27.31 -18.62
C TYR B 137 -1.01 28.57 -18.78
N GLU B 138 -0.30 28.95 -17.74
CA GLU B 138 0.46 30.23 -17.78
C GLU B 138 1.74 30.08 -18.65
N LEU B 139 2.02 28.89 -19.18
CA LEU B 139 3.04 28.76 -20.22
C LEU B 139 2.53 29.27 -21.58
N ASP B 140 1.27 29.71 -21.61
CA ASP B 140 0.80 30.49 -22.74
C ASP B 140 0.92 29.78 -24.07
N GLN B 141 0.74 28.47 -24.11
CA GLN B 141 0.89 27.68 -25.37
C GLN B 141 2.29 27.72 -26.01
N GLY B 142 3.31 28.03 -25.22
CA GLY B 142 4.70 27.97 -25.67
C GLY B 142 5.17 26.54 -25.77
N LYS B 143 6.47 26.36 -25.94
CA LYS B 143 7.06 25.03 -26.10
C LYS B 143 7.30 24.45 -24.75
N ILE B 144 6.97 23.16 -24.61
CA ILE B 144 6.93 22.50 -23.32
C ILE B 144 7.76 21.27 -23.43
N GLY B 145 8.61 21.00 -22.45
CA GLY B 145 9.32 19.71 -22.39
C GLY B 145 8.76 18.79 -21.33
N VAL B 146 8.85 17.48 -21.57
CA VAL B 146 8.56 16.48 -20.57
C VAL B 146 9.74 15.60 -20.46
N ILE B 147 10.22 15.44 -19.26
CA ILE B 147 11.41 14.67 -19.03
C ILE B 147 11.03 13.36 -18.38
N ALA B 148 11.41 12.24 -19.01
CA ALA B 148 10.98 10.92 -18.51
C ALA B 148 11.69 10.62 -17.21
N ALA B 149 10.95 10.37 -16.15
CA ALA B 149 11.55 10.03 -14.85
C ALA B 149 11.00 8.71 -14.36
N SER B 150 9.94 8.24 -14.97
CA SER B 150 9.07 7.27 -14.31
C SER B 150 8.40 6.42 -15.38
N PRO B 151 7.82 5.27 -14.98
CA PRO B 151 7.25 4.32 -15.99
C PRO B 151 5.99 4.84 -16.69
N MET B 152 5.39 5.89 -16.15
CA MET B 152 4.26 6.55 -16.79
C MET B 152 4.69 7.70 -17.71
N ALA B 153 5.99 7.82 -17.98
CA ALA B 153 6.49 8.93 -18.75
C ALA B 153 5.70 9.13 -20.04
N ILE B 154 5.45 8.05 -20.80
CA ILE B 154 4.74 8.23 -22.08
C ILE B 154 3.38 8.91 -21.88
N HIS B 155 2.71 8.52 -20.80
CA HIS B 155 1.36 8.99 -20.50
C HIS B 155 1.38 10.50 -20.18
N HIS B 156 2.35 10.95 -19.40
CA HIS B 156 2.52 12.40 -19.21
C HIS B 156 2.91 13.09 -20.49
N ALA B 157 3.78 12.49 -21.29
CA ALA B 157 4.17 13.10 -22.55
C ALA B 157 2.94 13.35 -23.47
N LEU B 158 1.99 12.42 -23.43
CA LEU B 158 0.78 12.46 -24.26
C LEU B 158 -0.25 13.49 -23.80
N MET B 159 -0.20 13.88 -22.52
CA MET B 159 -1.08 14.95 -22.05
C MET B 159 -0.67 16.35 -22.45
N LEU B 160 0.63 16.61 -22.41
CA LEU B 160 1.11 18.00 -22.52
C LEU B 160 0.76 18.70 -23.81
N PRO B 161 0.53 17.97 -24.90
CA PRO B 161 0.17 18.81 -26.02
C PRO B 161 -1.09 19.61 -25.86
N ASP B 162 -1.97 19.36 -24.89
CA ASP B 162 -3.13 20.28 -24.77
C ASP B 162 -2.73 21.63 -24.20
N TRP B 163 -1.50 21.77 -23.72
CA TRP B 163 -0.97 23.05 -23.22
C TRP B 163 0.10 23.77 -24.07
N GLY B 164 0.75 23.06 -25.00
CA GLY B 164 1.67 23.66 -25.97
C GLY B 164 2.43 22.59 -26.74
N GLU B 165 3.24 23.02 -27.71
CA GLU B 165 4.03 22.12 -28.54
C GLU B 165 5.05 21.42 -27.66
N THR B 166 5.03 20.10 -27.69
CA THR B 166 5.67 19.30 -26.69
C THR B 166 6.85 18.54 -27.23
N THR B 167 7.95 18.54 -26.47
CA THR B 167 9.06 17.68 -26.77
C THR B 167 9.20 16.75 -25.63
N PHE B 168 9.49 15.48 -25.92
CA PHE B 168 9.62 14.40 -24.93
C PHE B 168 11.04 13.88 -24.87
N PHE B 169 11.66 14.04 -23.71
CA PHE B 169 13.03 13.65 -23.47
C PHE B 169 13.01 12.29 -22.75
N THR B 170 13.35 11.21 -23.45
CA THR B 170 13.42 9.87 -22.84
C THR B 170 14.62 9.73 -21.90
N ASN B 171 15.67 10.45 -22.17
CA ASN B 171 16.78 10.51 -21.23
C ASN B 171 17.22 9.18 -20.64
N GLY B 172 17.25 8.15 -21.49
CA GLY B 172 17.69 6.82 -21.07
C GLY B 172 16.83 6.09 -20.05
N ILE B 173 15.62 6.59 -19.77
CA ILE B 173 14.68 5.93 -18.84
C ILE B 173 13.80 5.00 -19.64
N VAL B 174 13.51 5.37 -20.87
CA VAL B 174 12.54 4.66 -21.66
C VAL B 174 12.92 4.66 -23.13
N GLU B 175 12.78 3.54 -23.81
CA GLU B 175 12.77 3.53 -25.29
C GLU B 175 11.39 3.06 -25.71
N PRO B 176 10.55 3.96 -26.27
CA PRO B 176 9.27 3.45 -26.70
C PRO B 176 9.42 2.48 -27.87
N ASP B 177 8.40 1.66 -28.05
CA ASP B 177 8.33 0.70 -29.14
C ASP B 177 7.79 1.48 -30.33
N ALA B 178 7.42 0.77 -31.39
CA ALA B 178 6.84 1.40 -32.59
C ALA B 178 5.36 1.79 -32.43
N ASP B 179 4.62 1.07 -31.60
CA ASP B 179 3.25 1.50 -31.28
C ASP B 179 3.25 2.85 -30.50
N GLN B 180 4.17 2.97 -29.55
CA GLN B 180 4.24 4.18 -28.69
C GLN B 180 4.75 5.34 -29.53
N HIS B 181 5.66 5.04 -30.45
CA HIS B 181 6.20 6.03 -31.35
C HIS B 181 5.12 6.63 -32.21
N ALA B 182 4.32 5.72 -32.79
CA ALA B 182 3.18 6.10 -33.63
C ALA B 182 2.21 6.92 -32.82
N LEU B 183 2.04 6.51 -31.58
CA LEU B 183 1.12 7.20 -30.69
C LEU B 183 1.65 8.63 -30.50
N LEU B 184 2.88 8.71 -30.00
CA LEU B 184 3.56 9.98 -29.76
C LEU B 184 3.54 10.89 -31.01
N ALA B 185 3.77 10.32 -32.20
CA ALA B 185 3.75 11.13 -33.42
C ALA B 185 2.37 11.60 -33.82
N ALA B 186 1.35 10.76 -33.70
CA ALA B 186 -0.06 11.17 -33.93
C ALA B 186 -0.47 12.33 -33.06
N ARG B 187 0.12 12.44 -31.87
CA ARG B 187 -0.12 13.59 -30.99
C ARG B 187 0.60 14.83 -31.40
N GLY B 188 1.64 14.66 -32.22
CA GLY B 188 2.54 15.76 -32.56
C GLY B 188 3.59 16.01 -31.48
N VAL B 189 4.00 14.96 -30.76
CA VAL B 189 5.05 15.09 -29.75
C VAL B 189 6.34 14.73 -30.43
N ARG B 190 7.39 15.54 -30.25
CA ARG B 190 8.67 15.23 -30.85
C ARG B 190 9.51 14.57 -29.80
N VAL B 191 10.11 13.44 -30.15
CA VAL B 191 10.80 12.64 -29.16
C VAL B 191 12.25 12.94 -29.34
N GLU B 192 12.97 13.11 -28.22
CA GLU B 192 14.41 13.38 -28.23
C GLU B 192 15.07 12.40 -27.30
N THR B 193 16.11 11.73 -27.81
CA THR B 193 16.64 10.55 -27.15
C THR B 193 18.03 10.79 -26.62
N THR B 194 18.65 11.89 -27.04
CA THR B 194 20.01 12.18 -26.57
C THR B 194 19.88 12.45 -25.10
N ARG B 195 20.84 12.02 -24.32
CA ARG B 195 20.73 12.21 -22.89
C ARG B 195 20.88 13.69 -22.51
N ILE B 196 20.19 14.05 -21.43
CA ILE B 196 20.21 15.41 -20.84
C ILE B 196 21.48 15.68 -20.00
N ARG B 197 22.21 16.70 -20.32
CA ARG B 197 23.39 17.04 -19.51
C ARG B 197 22.96 17.87 -18.31
N GLU B 198 22.14 18.85 -18.57
CA GLU B 198 21.63 19.73 -17.50
C GLU B 198 20.43 20.54 -17.97
N ILE B 199 19.74 21.12 -17.01
CA ILE B 199 18.69 22.11 -17.30
C ILE B 199 19.35 23.47 -17.14
N ALA B 200 19.31 24.33 -18.15
CA ALA B 200 19.96 25.62 -18.04
C ALA B 200 19.06 26.79 -18.45
N GLY B 201 19.54 28.03 -18.29
CA GLY B 201 18.77 29.21 -18.69
C GLY B 201 17.46 29.29 -17.91
N HIS B 202 16.37 29.66 -18.57
CA HIS B 202 15.08 29.56 -17.90
C HIS B 202 14.63 28.07 -17.78
N ALA B 203 14.33 27.46 -18.94
CA ALA B 203 13.95 26.07 -18.99
C ALA B 203 14.58 25.36 -20.19
N ASP B 204 15.89 25.56 -20.43
CA ASP B 204 16.59 24.99 -21.60
C ASP B 204 17.16 23.63 -21.23
N VAL B 205 16.97 22.67 -22.13
CA VAL B 205 17.51 21.34 -21.90
C VAL B 205 18.81 21.27 -22.72
N VAL B 206 19.91 21.20 -22.00
CA VAL B 206 21.21 21.04 -22.62
C VAL B 206 21.50 19.53 -22.72
N LEU B 207 21.52 19.06 -23.97
CA LEU B 207 21.79 17.65 -24.30
C LEU B 207 23.27 17.32 -24.33
N ALA B 208 23.58 16.04 -24.19
CA ALA B 208 24.95 15.47 -24.30
C ALA B 208 25.68 15.80 -25.59
N ASP B 209 25.01 15.77 -26.74
CA ASP B 209 25.69 16.16 -27.99
C ASP B 209 25.95 17.67 -28.13
N GLY B 210 25.51 18.48 -27.14
CA GLY B 210 25.85 19.90 -27.11
C GLY B 210 24.75 20.81 -27.61
N ARG B 211 23.74 20.23 -28.25
CA ARG B 211 22.56 20.99 -28.64
C ARG B 211 21.79 21.38 -27.37
N SER B 212 21.08 22.49 -27.49
CA SER B 212 20.27 23.01 -26.40
C SER B 212 18.85 23.21 -26.96
N ILE B 213 17.85 22.67 -26.28
CA ILE B 213 16.45 22.87 -26.69
C ILE B 213 15.76 23.94 -25.83
N ALA B 214 15.35 25.05 -26.44
CA ALA B 214 14.66 26.13 -25.68
C ALA B 214 13.17 25.87 -25.53
N LEU B 215 12.70 25.92 -24.29
CA LEU B 215 11.31 25.64 -23.94
C LEU B 215 10.81 26.73 -23.02
N ALA B 216 9.50 26.94 -23.00
CA ALA B 216 8.85 27.78 -22.01
C ALA B 216 8.77 27.16 -20.63
N GLY B 217 8.71 25.83 -20.50
CA GLY B 217 8.54 25.22 -19.18
C GLY B 217 8.76 23.73 -19.34
N LEU B 218 9.07 23.04 -18.24
CA LEU B 218 9.41 21.62 -18.22
C LEU B 218 8.57 20.86 -17.22
N PHE B 219 8.21 19.61 -17.56
CA PHE B 219 7.44 18.76 -16.70
C PHE B 219 8.14 17.45 -16.46
N THR B 220 8.12 17.01 -15.22
CA THR B 220 8.66 15.71 -14.90
C THR B 220 7.98 15.13 -13.64
N GLN B 221 8.21 13.85 -13.36
CA GLN B 221 7.41 13.17 -12.33
C GLN B 221 8.36 12.99 -11.16
N PRO B 222 8.04 13.56 -10.02
CA PRO B 222 8.84 13.42 -8.81
C PRO B 222 8.54 12.11 -8.08
N LYS B 223 9.37 11.75 -7.12
CA LYS B 223 9.09 10.64 -6.21
C LYS B 223 8.75 11.19 -4.88
N LEU B 224 7.61 10.77 -4.32
CA LEU B 224 7.13 11.34 -3.10
C LEU B 224 7.68 10.61 -1.85
N ARG B 225 8.24 11.38 -0.93
CA ARG B 225 8.82 10.89 0.28
C ARG B 225 8.07 11.45 1.50
N ILE B 226 7.89 10.63 2.52
CA ILE B 226 7.23 11.00 3.78
C ILE B 226 8.44 11.23 4.69
N THR B 227 8.68 12.45 5.14
CA THR B 227 9.94 12.68 5.85
C THR B 227 9.69 12.77 7.35
N VAL B 228 9.05 11.78 7.92
CA VAL B 228 9.22 11.54 9.34
C VAL B 228 9.75 10.12 9.51
N ASP B 229 10.40 9.86 10.65
CA ASP B 229 10.91 8.52 10.97
C ASP B 229 10.05 7.70 11.92
N TRP B 230 8.83 8.13 12.23
CA TRP B 230 8.05 7.45 13.28
C TRP B 230 6.74 6.81 12.84
N ILE B 231 6.51 6.70 11.52
CA ILE B 231 5.25 6.07 11.01
C ILE B 231 5.23 4.63 11.46
N GLU B 232 6.37 3.95 11.33
CA GLU B 232 6.48 2.54 11.68
C GLU B 232 6.01 2.27 13.08
N LYS B 233 6.38 3.09 14.02
CA LYS B 233 5.99 2.81 15.37
C LYS B 233 4.60 3.26 15.74
N LEU B 234 3.91 3.98 14.86
CA LEU B 234 2.48 4.14 15.01
C LEU B 234 1.81 2.96 14.41
N GLY B 235 2.52 2.22 13.56
CA GLY B 235 1.95 1.00 12.97
C GLY B 235 1.06 1.17 11.74
N CYS B 236 1.07 2.35 11.08
CA CYS B 236 0.25 2.57 9.86
C CYS B 236 0.90 1.85 8.66
N ALA B 237 0.16 1.10 7.87
CA ALA B 237 0.69 0.58 6.63
C ALA B 237 0.87 1.75 5.64
N VAL B 238 1.92 1.62 4.85
CA VAL B 238 2.32 2.58 3.85
C VAL B 238 2.47 1.86 2.50
N GLU B 239 1.95 2.47 1.46
CA GLU B 239 2.09 1.97 0.09
C GLU B 239 3.40 2.48 -0.52
N GLU B 240 4.27 1.57 -0.95
CA GLU B 240 5.55 1.97 -1.47
C GLU B 240 5.63 1.54 -2.89
N GLY B 241 5.89 2.47 -3.77
CA GLY B 241 6.00 2.17 -5.19
C GLY B 241 7.06 3.00 -5.89
N PRO B 242 7.20 2.80 -7.22
CA PRO B 242 8.29 3.48 -7.93
C PRO B 242 8.12 4.99 -7.68
N MET B 243 6.90 5.50 -7.70
CA MET B 243 6.72 6.93 -7.50
C MET B 243 6.44 7.47 -6.05
N GLY B 244 6.75 6.65 -5.05
CA GLY B 244 6.90 7.10 -3.66
C GLY B 244 6.00 6.41 -2.65
N SER B 245 5.72 7.08 -1.55
CA SER B 245 5.09 6.46 -0.41
C SER B 245 3.84 7.16 -0.08
N THR B 246 2.82 6.41 0.23
CA THR B 246 1.51 6.97 0.61
C THR B 246 1.01 6.17 1.78
N ILE B 247 0.59 6.86 2.84
CA ILE B 247 -0.11 6.18 3.93
C ILE B 247 -1.45 5.58 3.44
N VAL B 248 -1.67 4.30 3.76
CA VAL B 248 -2.91 3.58 3.38
C VAL B 248 -4.06 4.13 4.23
N THR B 249 -5.17 4.42 3.59
CA THR B 249 -6.34 4.82 4.34
C THR B 249 -7.55 4.22 3.70
N ASP B 250 -8.63 4.09 4.46
CA ASP B 250 -9.87 3.67 3.90
C ASP B 250 -10.64 4.87 3.39
N PRO B 251 -11.88 4.65 2.94
CA PRO B 251 -12.57 5.80 2.40
C PRO B 251 -13.05 6.78 3.50
N MET B 252 -13.03 6.42 4.78
CA MET B 252 -13.27 7.38 5.87
C MET B 252 -11.94 8.01 6.39
N LYS B 253 -10.84 7.89 5.63
CA LYS B 253 -9.51 8.43 6.00
C LYS B 253 -8.81 7.87 7.24
N GLN B 254 -9.27 6.72 7.69
CA GLN B 254 -8.61 6.04 8.78
C GLN B 254 -7.51 5.20 8.22
N THR B 255 -6.38 5.22 8.90
CA THR B 255 -5.23 4.42 8.51
C THR B 255 -5.51 2.99 8.98
N THR B 256 -4.57 2.09 8.75
CA THR B 256 -4.66 0.73 9.25
C THR B 256 -4.42 0.71 10.77
N ALA B 257 -4.10 1.85 11.40
CA ALA B 257 -3.96 1.88 12.88
C ALA B 257 -5.15 2.59 13.50
N ARG B 258 -5.92 1.87 14.31
CA ARG B 258 -7.14 2.40 14.95
C ARG B 258 -6.90 3.74 15.66
N GLY B 259 -7.73 4.74 15.34
CA GLY B 259 -7.59 6.08 16.00
C GLY B 259 -6.59 7.06 15.37
N ILE B 260 -5.99 6.61 14.26
CA ILE B 260 -5.11 7.45 13.50
C ILE B 260 -5.72 7.62 12.10
N PHE B 261 -5.88 8.89 11.69
CA PHE B 261 -6.42 9.26 10.37
C PHE B 261 -5.36 10.02 9.56
N ALA B 262 -5.53 10.08 8.24
CA ALA B 262 -4.50 10.72 7.37
C ALA B 262 -5.18 11.38 6.22
N CYS B 263 -4.68 12.53 5.80
CA CYS B 263 -5.31 13.29 4.71
C CYS B 263 -4.32 14.23 4.07
N GLY B 264 -4.65 14.65 2.85
CA GLY B 264 -3.75 15.39 2.01
C GLY B 264 -2.78 14.51 1.29
N ASP B 265 -1.71 15.14 0.85
CA ASP B 265 -0.73 14.48 0.01
C ASP B 265 -0.12 13.24 0.66
N VAL B 266 0.01 13.25 1.99
CA VAL B 266 0.60 12.13 2.72
C VAL B 266 -0.25 10.85 2.51
N ALA B 267 -1.54 11.03 2.21
CA ALA B 267 -2.50 9.90 2.02
C ALA B 267 -3.06 9.82 0.60
N ARG B 268 -2.51 10.58 -0.35
CA ARG B 268 -3.06 10.57 -1.70
C ARG B 268 -1.98 10.85 -2.71
N PRO B 269 -1.60 9.82 -3.49
CA PRO B 269 -0.41 9.97 -4.32
C PRO B 269 -0.53 11.01 -5.43
N ALA B 270 -1.71 11.31 -5.98
CA ALA B 270 -1.88 12.38 -6.96
C ALA B 270 -2.78 13.51 -6.34
N GLY B 271 -2.20 14.30 -5.44
CA GLY B 271 -2.99 15.26 -4.68
C GLY B 271 -3.00 16.65 -5.32
N SER B 272 -3.91 17.46 -4.83
CA SER B 272 -4.08 18.86 -5.21
C SER B 272 -4.68 19.53 -3.95
N VAL B 273 -4.81 20.85 -4.02
CA VAL B 273 -5.34 21.60 -2.90
C VAL B 273 -6.78 21.22 -2.68
N ALA B 274 -7.55 21.16 -3.76
CA ALA B 274 -8.98 20.80 -3.70
C ALA B 274 -9.13 19.48 -3.01
N LEU B 275 -8.30 18.50 -3.37
CA LEU B 275 -8.48 17.22 -2.78
C LEU B 275 -7.91 17.15 -1.35
N ALA B 276 -6.86 17.90 -1.02
CA ALA B 276 -6.47 18.01 0.40
C ALA B 276 -7.54 18.58 1.32
N VAL B 277 -8.22 19.63 0.84
CA VAL B 277 -9.27 20.28 1.61
C VAL B 277 -10.43 19.30 1.84
N GLY B 278 -10.83 18.61 0.79
CA GLY B 278 -11.87 17.57 0.88
C GLY B 278 -11.47 16.44 1.80
N ASP B 279 -10.28 15.88 1.60
CA ASP B 279 -9.85 14.77 2.45
C ASP B 279 -9.71 15.20 3.91
N GLY B 280 -9.24 16.42 4.12
CA GLY B 280 -9.09 16.90 5.49
C GLY B 280 -10.42 17.05 6.21
N ALA B 281 -11.43 17.54 5.50
CA ALA B 281 -12.74 17.71 6.09
C ALA B 281 -13.29 16.30 6.47
N MET B 282 -13.11 15.31 5.61
CA MET B 282 -13.54 13.94 5.92
C MET B 282 -12.77 13.39 7.12
N ALA B 283 -11.47 13.67 7.17
CA ALA B 283 -10.66 13.12 8.26
C ALA B 283 -11.04 13.72 9.59
N GLY B 284 -11.34 15.02 9.60
CA GLY B 284 -11.80 15.69 10.84
C GLY B 284 -13.16 15.17 11.29
N ALA B 285 -14.10 14.96 10.38
CA ALA B 285 -15.37 14.34 10.79
C ALA B 285 -15.18 12.89 11.30
N ALA B 286 -14.26 12.14 10.70
CA ALA B 286 -14.07 10.72 11.06
C ALA B 286 -13.47 10.58 12.42
N ALA B 287 -12.57 11.49 12.73
CA ALA B 287 -11.97 11.59 14.02
C ALA B 287 -13.03 11.94 15.05
N HIS B 288 -13.88 12.93 14.75
CA HIS B 288 -15.00 13.20 15.61
C HIS B 288 -15.85 11.96 15.84
N ARG B 289 -16.24 11.25 14.78
CA ARG B 289 -17.08 10.07 14.94
C ARG B 289 -16.45 9.00 15.74
N SER B 290 -15.14 8.87 15.61
CA SER B 290 -14.41 7.80 16.29
C SER B 290 -14.36 8.12 17.79
N ILE B 291 -14.52 9.39 18.18
CA ILE B 291 -14.67 9.76 19.59
C ILE B 291 -16.09 9.51 20.10
N LEU B 292 -17.10 9.86 19.32
CA LEU B 292 -18.49 9.60 19.66
C LEU B 292 -18.84 8.10 19.64
N PHE B 293 -18.32 7.33 18.70
CA PHE B 293 -18.66 5.92 18.60
C PHE B 293 -17.36 5.08 18.61
N PRO B 294 -16.70 4.98 19.77
CA PRO B 294 -15.38 4.36 19.86
C PRO B 294 -15.46 2.82 19.75
N GLU B 295 -14.76 2.22 18.78
CA GLU B 295 -14.95 0.81 18.41
C GLU B 295 -16.44 0.57 18.20
#